data_1IAK
#
_entry.id   1IAK
#
_cell.length_a   112.250
_cell.length_b   112.250
_cell.length_c   99.720
_cell.angle_alpha   90.00
_cell.angle_beta   90.00
_cell.angle_gamma   90.00
#
_symmetry.space_group_name_H-M   'P 41 21 2'
#
loop_
_entity.id
_entity.type
_entity.pdbx_description
1 polymer 'MHC CLASS II I-AK'
2 polymer 'MHC CLASS II I-AK'
3 polymer 'MHC CLASS II I-AK'
4 non-polymer 2-acetamido-2-deoxy-beta-D-glucopyranose
5 water water
#
loop_
_entity_poly.entity_id
_entity_poly.type
_entity_poly.pdbx_seq_one_letter_code
_entity_poly.pdbx_strand_id
1 'polypeptide(L)'
;EDDIEADHVGSYGITVYQSPGDIGQYTFEFDGDELFYVDLDKKETVWMLPEFAQLRRFEPQGGLQNIATGKHNLEILTKR
SNSTPATNEAPQATVFPKSPVLLGQPNTLICFVDNIFPPVINITWLRNSKSVTDGVYETSFFVNRDYSFHKLSYLTFIPS
DDDIYDCKVEHWGLEEPVLKHWEPEIPAPMSELTETVVC
;
A
2 'polypeptide(L)'
;GSFVHQFQPFCYFTNGTQRIRLVIRYIYNREEYVRFDSDVGEYRAVTELGRPDAEYWNKQYLERTRAELDTVCRHNYEKT
ETPTSLRRLEQPSVVISLSRTEALNHHNTLVCSVTDFYPAKIKVRWFRNGQEETVGVSSTQLIRNGDWTFQVLVMLEMTP
RRGEVYTCHVEHPSLTSPITVEWRA
;
B
3 'polypeptide(L)' STDYGILQINSRW P
#
# COMPACT_ATOMS: atom_id res chain seq x y z
N ILE A 4 16.88 -3.67 -1.79
CA ILE A 4 16.73 -4.70 -0.72
C ILE A 4 15.60 -5.64 -1.14
N GLU A 5 15.95 -6.85 -1.54
CA GLU A 5 14.96 -7.84 -1.94
C GLU A 5 14.66 -8.78 -0.77
N ALA A 6 13.51 -9.44 -0.83
CA ALA A 6 13.08 -10.37 0.22
C ALA A 6 11.73 -10.97 -0.18
N ASP A 7 11.28 -11.97 0.55
CA ASP A 7 9.99 -12.59 0.27
C ASP A 7 8.90 -11.77 0.93
N HIS A 8 9.18 -11.21 2.10
CA HIS A 8 8.21 -10.41 2.85
C HIS A 8 8.85 -9.19 3.51
N VAL A 9 8.03 -8.23 3.92
CA VAL A 9 8.50 -7.02 4.58
C VAL A 9 7.46 -6.51 5.56
N GLY A 10 7.79 -6.46 6.84
CA GLY A 10 6.88 -5.96 7.85
C GLY A 10 7.43 -4.64 8.41
N SER A 11 6.60 -3.61 8.49
CA SER A 11 7.01 -2.30 9.02
C SER A 11 6.18 -2.15 10.27
N TYR A 12 6.75 -2.57 11.37
CA TYR A 12 6.05 -2.55 12.62
C TYR A 12 6.25 -1.27 13.41
N GLY A 13 5.41 -0.29 13.12
CA GLY A 13 5.50 0.97 13.83
C GLY A 13 5.91 2.19 13.06
N ILE A 14 5.42 2.35 11.83
CA ILE A 14 5.75 3.55 11.05
C ILE A 14 5.15 4.68 11.87
N THR A 15 5.97 5.68 12.19
CA THR A 15 5.55 6.81 13.01
C THR A 15 5.86 8.13 12.33
N VAL A 16 4.81 8.89 12.04
CA VAL A 16 4.95 10.18 11.37
C VAL A 16 4.32 11.29 12.22
N TYR A 17 5.05 12.39 12.40
CA TYR A 17 4.53 13.52 13.16
C TYR A 17 4.80 14.77 12.36
N GLN A 18 3.86 15.71 12.46
CA GLN A 18 3.93 16.94 11.71
C GLN A 18 3.46 18.15 12.50
N SER A 19 4.16 19.27 12.29
CA SER A 19 3.79 20.52 12.94
C SER A 19 3.85 21.66 11.93
N PRO A 20 3.01 22.68 12.13
CA PRO A 20 2.05 22.79 13.22
C PRO A 20 0.84 21.91 13.04
N GLY A 21 -0.03 21.91 14.04
CA GLY A 21 -1.23 21.13 13.96
C GLY A 21 -1.23 19.87 14.80
N ASP A 22 -0.04 19.42 15.21
CA ASP A 22 0.09 18.20 16.01
C ASP A 22 -0.59 17.02 15.30
N ILE A 23 -0.15 16.78 14.08
CA ILE A 23 -0.69 15.72 13.22
C ILE A 23 0.23 14.51 13.30
N GLY A 24 -0.29 13.39 13.76
CA GLY A 24 0.53 12.20 13.85
C GLY A 24 -0.18 10.95 13.34
N GLN A 25 0.60 9.97 12.87
CA GLN A 25 0.05 8.72 12.38
C GLN A 25 0.99 7.57 12.76
N TYR A 26 0.40 6.48 13.24
CA TYR A 26 1.14 5.26 13.64
C TYR A 26 0.47 4.04 13.00
N THR A 27 1.21 3.36 12.13
CA THR A 27 0.69 2.19 11.45
C THR A 27 1.66 1.01 11.39
N PHE A 28 1.11 -0.14 11.04
CA PHE A 28 1.84 -1.39 10.82
C PHE A 28 1.50 -1.77 9.38
N GLU A 29 2.50 -2.05 8.55
CA GLU A 29 2.25 -2.48 7.17
C GLU A 29 2.90 -3.85 6.98
N PHE A 30 2.27 -4.74 6.22
CA PHE A 30 2.88 -6.03 5.92
C PHE A 30 2.76 -6.26 4.43
N ASP A 31 3.90 -6.45 3.79
CA ASP A 31 3.97 -6.65 2.35
C ASP A 31 3.26 -5.53 1.59
N GLY A 32 3.38 -4.32 2.10
CA GLY A 32 2.78 -3.16 1.45
C GLY A 32 1.34 -2.86 1.79
N ASP A 33 0.71 -3.70 2.59
CA ASP A 33 -0.68 -3.45 2.93
C ASP A 33 -0.80 -3.02 4.36
N GLU A 34 -1.88 -2.29 4.64
CA GLU A 34 -2.11 -1.75 5.96
C GLU A 34 -2.71 -2.71 6.96
N LEU A 35 -1.92 -3.08 7.97
CA LEU A 35 -2.39 -3.97 9.01
C LEU A 35 -3.34 -3.20 9.93
N PHE A 36 -2.92 -2.02 10.37
CA PHE A 36 -3.76 -1.19 11.22
C PHE A 36 -3.15 0.20 11.39
N TYR A 37 -3.89 1.04 12.07
CA TYR A 37 -3.36 2.36 12.41
C TYR A 37 -3.92 2.51 13.81
N VAL A 38 -3.25 3.30 14.63
CA VAL A 38 -3.73 3.51 15.99
C VAL A 38 -4.42 4.86 16.00
N ASP A 39 -5.69 4.86 16.41
CA ASP A 39 -6.45 6.10 16.52
C ASP A 39 -5.90 6.81 17.76
N LEU A 40 -5.11 7.86 17.54
CA LEU A 40 -4.47 8.61 18.61
C LEU A 40 -5.46 9.27 19.55
N ASP A 41 -6.61 9.65 19.02
CA ASP A 41 -7.63 10.30 19.81
C ASP A 41 -8.45 9.32 20.62
N LYS A 42 -8.99 8.29 19.96
CA LYS A 42 -9.79 7.27 20.65
C LYS A 42 -8.90 6.28 21.41
N LYS A 43 -7.62 6.23 21.02
CA LYS A 43 -6.66 5.32 21.63
C LYS A 43 -7.05 3.85 21.44
N GLU A 44 -7.15 3.45 20.17
CA GLU A 44 -7.52 2.10 19.79
C GLU A 44 -6.75 1.69 18.54
N THR A 45 -6.59 0.39 18.36
CA THR A 45 -5.90 -0.16 17.21
C THR A 45 -7.00 -0.49 16.20
N VAL A 46 -6.96 0.16 15.05
CA VAL A 46 -8.00 -0.06 14.03
C VAL A 46 -7.45 -0.91 12.89
N TRP A 47 -7.89 -2.16 12.86
CA TRP A 47 -7.46 -3.14 11.86
C TRP A 47 -8.26 -3.04 10.57
N MET A 48 -7.57 -3.04 9.43
CA MET A 48 -8.25 -2.96 8.15
C MET A 48 -9.11 -4.20 7.95
N LEU A 49 -8.54 -5.38 8.22
CA LEU A 49 -9.26 -6.65 8.12
C LEU A 49 -9.63 -6.98 9.56
N PRO A 50 -10.88 -6.68 9.96
CA PRO A 50 -11.36 -6.92 11.31
C PRO A 50 -11.12 -8.33 11.87
N GLU A 51 -11.07 -9.33 11.01
CA GLU A 51 -10.86 -10.71 11.44
C GLU A 51 -9.47 -10.90 12.05
N PHE A 52 -8.49 -10.15 11.55
CA PHE A 52 -7.13 -10.21 12.06
C PHE A 52 -7.06 -9.86 13.55
N ALA A 53 -7.90 -8.94 14.00
CA ALA A 53 -7.92 -8.54 15.41
C ALA A 53 -8.35 -9.68 16.32
N GLN A 54 -8.76 -10.79 15.72
CA GLN A 54 -9.19 -11.95 16.47
C GLN A 54 -8.04 -12.94 16.68
N LEU A 55 -7.03 -12.85 15.84
CA LEU A 55 -5.88 -13.74 15.88
C LEU A 55 -4.59 -13.08 16.35
N ARG A 56 -4.57 -11.75 16.42
CA ARG A 56 -3.40 -11.02 16.86
C ARG A 56 -3.86 -9.71 17.49
N ARG A 57 -3.02 -9.10 18.33
CA ARG A 57 -3.40 -7.85 18.97
C ARG A 57 -2.20 -6.95 19.22
N PHE A 58 -2.45 -5.65 19.25
CA PHE A 58 -1.42 -4.66 19.49
C PHE A 58 -1.95 -3.67 20.52
N GLU A 59 -1.15 -3.39 21.54
CA GLU A 59 -1.53 -2.45 22.59
C GLU A 59 -1.27 -1.06 22.05
N PRO A 60 -2.33 -0.26 21.87
CA PRO A 60 -2.21 1.10 21.33
C PRO A 60 -1.21 2.02 22.01
N GLN A 61 -0.97 1.81 23.31
CA GLN A 61 -0.01 2.61 24.08
C GLN A 61 1.32 2.68 23.35
N GLY A 62 1.72 1.56 22.76
CA GLY A 62 2.97 1.51 22.03
C GLY A 62 2.90 2.53 20.92
N GLY A 63 1.72 2.68 20.35
CA GLY A 63 1.51 3.65 19.30
C GLY A 63 1.63 5.05 19.86
N LEU A 64 0.89 5.33 20.90
CA LEU A 64 0.91 6.65 21.53
C LEU A 64 2.33 7.06 21.90
N GLN A 65 3.03 6.16 22.59
CA GLN A 65 4.38 6.40 23.02
C GLN A 65 5.32 6.74 21.88
N ASN A 66 5.26 5.97 20.81
CA ASN A 66 6.11 6.22 19.66
C ASN A 66 5.82 7.57 19.02
N ILE A 67 4.55 7.98 19.06
CA ILE A 67 4.15 9.28 18.52
C ILE A 67 4.73 10.39 19.40
N ALA A 68 4.56 10.26 20.72
CA ALA A 68 5.10 11.25 21.65
C ALA A 68 6.58 11.48 21.37
N THR A 69 7.28 10.40 21.03
CA THR A 69 8.70 10.49 20.72
C THR A 69 8.90 11.13 19.38
N GLY A 70 7.98 10.89 18.46
CA GLY A 70 8.07 11.47 17.14
C GLY A 70 8.00 12.97 17.27
N LYS A 71 7.05 13.42 18.08
CA LYS A 71 6.83 14.84 18.39
C LYS A 71 8.14 15.41 18.92
N HIS A 72 8.66 14.78 19.97
CA HIS A 72 9.91 15.18 20.60
C HIS A 72 11.06 15.32 19.60
N ASN A 73 11.25 14.33 18.74
CA ASN A 73 12.34 14.39 17.76
C ASN A 73 12.09 15.43 16.64
N LEU A 74 10.84 15.84 16.48
CA LEU A 74 10.51 16.83 15.46
C LEU A 74 11.05 18.19 15.88
N GLU A 75 10.81 18.58 17.13
CA GLU A 75 11.32 19.86 17.65
C GLU A 75 12.83 19.90 17.51
N ILE A 76 13.47 18.87 18.04
CA ILE A 76 14.91 18.74 18.01
C ILE A 76 15.44 18.80 16.58
N LEU A 77 14.78 18.11 15.65
CA LEU A 77 15.25 18.14 14.27
C LEU A 77 14.92 19.45 13.54
N THR A 78 13.80 20.07 13.90
CA THR A 78 13.41 21.33 13.27
C THR A 78 14.49 22.35 13.62
N LYS A 79 14.86 22.39 14.90
CA LYS A 79 15.90 23.30 15.36
C LYS A 79 17.21 22.97 14.65
N ARG A 80 17.55 21.69 14.52
CA ARG A 80 18.78 21.28 13.87
C ARG A 80 18.95 21.72 12.44
N SER A 81 17.85 21.83 11.71
CA SER A 81 17.91 22.25 10.30
C SER A 81 17.81 23.76 10.16
N ASN A 82 17.58 24.43 11.29
CA ASN A 82 17.40 25.88 11.35
C ASN A 82 16.05 26.13 10.71
N SER A 83 15.06 25.43 11.23
CA SER A 83 13.67 25.50 10.79
C SER A 83 13.38 25.42 9.29
N THR A 84 13.94 24.42 8.61
CA THR A 84 13.70 24.22 7.18
C THR A 84 12.30 23.58 7.04
N PRO A 85 11.37 24.27 6.37
CA PRO A 85 10.01 23.72 6.20
C PRO A 85 9.94 22.63 5.14
N ALA A 86 8.87 21.83 5.21
CA ALA A 86 8.64 20.76 4.26
C ALA A 86 8.22 21.37 2.92
N THR A 87 8.75 20.85 1.82
CA THR A 87 8.36 21.31 0.48
C THR A 87 7.04 20.63 0.11
N ASN A 88 6.09 21.39 -0.43
CA ASN A 88 4.81 20.82 -0.84
C ASN A 88 4.97 20.17 -2.21
N GLU A 89 4.46 18.94 -2.33
CA GLU A 89 4.52 18.23 -3.60
C GLU A 89 3.12 18.27 -4.20
N ALA A 90 3.03 17.96 -5.49
CA ALA A 90 1.74 17.90 -6.19
C ALA A 90 1.28 16.42 -6.25
N PRO A 91 0.22 16.07 -5.50
CA PRO A 91 -0.29 14.70 -5.47
C PRO A 91 -0.84 14.37 -6.86
N GLN A 92 -0.73 13.11 -7.26
CA GLN A 92 -1.23 12.63 -8.55
C GLN A 92 -2.22 11.51 -8.30
N ALA A 93 -3.46 11.68 -8.75
CA ALA A 93 -4.51 10.70 -8.54
C ALA A 93 -4.81 9.85 -9.77
N THR A 94 -5.29 8.64 -9.54
CA THR A 94 -5.65 7.70 -10.59
C THR A 94 -6.89 6.97 -10.10
N VAL A 95 -7.90 6.87 -10.98
CA VAL A 95 -9.15 6.22 -10.62
C VAL A 95 -9.30 4.94 -11.44
N PHE A 96 -9.70 3.87 -10.78
CA PHE A 96 -9.88 2.60 -11.46
C PHE A 96 -10.87 1.77 -10.63
N PRO A 97 -11.64 0.90 -11.31
CA PRO A 97 -12.61 0.05 -10.63
C PRO A 97 -11.97 -1.18 -9.98
N LYS A 98 -12.55 -1.64 -8.88
CA LYS A 98 -12.05 -2.81 -8.19
C LYS A 98 -12.30 -4.05 -9.05
N SER A 99 -13.55 -4.19 -9.50
CA SER A 99 -13.96 -5.31 -10.33
C SER A 99 -14.27 -4.88 -11.76
N PRO A 100 -14.45 -5.86 -12.67
CA PRO A 100 -14.76 -5.53 -14.07
C PRO A 100 -16.11 -4.82 -14.08
N VAL A 101 -16.23 -3.75 -14.87
CA VAL A 101 -17.45 -2.97 -14.94
C VAL A 101 -18.61 -3.68 -15.63
N LEU A 102 -19.72 -3.84 -14.90
CA LEU A 102 -20.90 -4.50 -15.43
C LEU A 102 -22.14 -3.73 -15.01
N LEU A 103 -22.93 -3.25 -15.99
CA LEU A 103 -24.15 -2.50 -15.73
C LEU A 103 -24.95 -3.20 -14.65
N GLY A 104 -25.28 -2.48 -13.58
CA GLY A 104 -26.07 -3.08 -12.51
C GLY A 104 -25.36 -3.87 -11.43
N GLN A 105 -24.13 -4.32 -11.68
CA GLN A 105 -23.38 -5.10 -10.70
C GLN A 105 -22.65 -4.18 -9.73
N PRO A 106 -22.90 -4.33 -8.41
CA PRO A 106 -22.22 -3.47 -7.41
C PRO A 106 -20.69 -3.54 -7.57
N ASN A 107 -20.03 -2.40 -7.45
CA ASN A 107 -18.58 -2.34 -7.63
C ASN A 107 -18.02 -1.29 -6.66
N THR A 108 -16.74 -1.00 -6.78
CA THR A 108 -16.09 -0.02 -5.93
C THR A 108 -15.09 0.70 -6.81
N LEU A 109 -15.14 2.03 -6.78
CA LEU A 109 -14.21 2.84 -7.56
C LEU A 109 -13.08 3.14 -6.59
N ILE A 110 -11.86 3.09 -7.09
CA ILE A 110 -10.71 3.32 -6.23
C ILE A 110 -9.96 4.53 -6.73
N CYS A 111 -9.64 5.44 -5.81
CA CYS A 111 -8.86 6.60 -6.16
C CYS A 111 -7.51 6.42 -5.47
N PHE A 112 -6.48 6.21 -6.26
CA PHE A 112 -5.13 6.02 -5.76
C PHE A 112 -4.38 7.33 -5.92
N VAL A 113 -4.00 7.95 -4.81
CA VAL A 113 -3.27 9.21 -4.85
C VAL A 113 -1.85 8.99 -4.39
N ASP A 114 -0.89 9.31 -5.26
CA ASP A 114 0.51 9.12 -4.98
C ASP A 114 1.27 10.44 -4.89
N ASN A 115 2.50 10.35 -4.39
CA ASN A 115 3.39 11.50 -4.24
C ASN A 115 2.78 12.57 -3.35
N ILE A 116 2.25 12.14 -2.21
CA ILE A 116 1.66 13.05 -1.25
C ILE A 116 2.73 13.53 -0.25
N PHE A 117 2.82 14.85 -0.07
CA PHE A 117 3.75 15.44 0.90
C PHE A 117 3.58 16.95 1.04
N PRO A 118 3.34 17.43 2.25
CA PRO A 118 3.21 16.63 3.48
C PRO A 118 1.93 15.80 3.56
N PRO A 119 1.87 14.90 4.55
CA PRO A 119 0.74 14.01 4.79
C PRO A 119 -0.53 14.66 5.29
N VAL A 120 -1.04 15.64 4.55
CA VAL A 120 -2.32 16.30 4.89
C VAL A 120 -3.00 16.40 3.53
N ILE A 121 -4.25 15.92 3.43
CA ILE A 121 -4.95 15.95 2.16
C ILE A 121 -6.43 15.69 2.35
N ASN A 122 -7.21 16.03 1.33
CA ASN A 122 -8.65 15.78 1.31
C ASN A 122 -8.88 15.06 -0.01
N ILE A 123 -9.46 13.87 0.07
CA ILE A 123 -9.78 13.10 -1.12
C ILE A 123 -11.26 12.85 -1.00
N THR A 124 -12.02 13.35 -1.97
CA THR A 124 -13.48 13.21 -1.96
C THR A 124 -13.98 12.80 -3.33
N TRP A 125 -15.25 12.42 -3.38
CA TRP A 125 -15.86 11.97 -4.62
C TRP A 125 -16.99 12.86 -5.07
N LEU A 126 -17.09 12.99 -6.38
CA LEU A 126 -18.14 13.74 -7.01
C LEU A 126 -18.82 12.79 -8.00
N ARG A 127 -20.14 12.72 -7.90
CA ARG A 127 -20.96 11.92 -8.80
C ARG A 127 -21.82 12.94 -9.53
N ASN A 128 -21.67 13.01 -10.86
CA ASN A 128 -22.41 13.98 -11.68
C ASN A 128 -22.18 15.38 -11.09
N SER A 129 -20.91 15.70 -10.87
CA SER A 129 -20.47 16.98 -10.33
C SER A 129 -20.97 17.39 -8.95
N LYS A 130 -21.51 16.44 -8.18
CA LYS A 130 -22.00 16.74 -6.83
C LYS A 130 -21.27 15.85 -5.81
N SER A 131 -20.95 16.40 -4.65
CA SER A 131 -20.23 15.65 -3.61
C SER A 131 -20.95 14.41 -3.06
N VAL A 132 -20.20 13.33 -2.87
CA VAL A 132 -20.73 12.09 -2.33
C VAL A 132 -20.29 11.95 -0.87
N THR A 133 -21.18 11.39 -0.05
CA THR A 133 -20.91 11.18 1.38
C THR A 133 -20.89 9.69 1.71
N ASP A 134 -21.98 9.01 1.38
CA ASP A 134 -22.15 7.59 1.67
C ASP A 134 -21.34 6.70 0.75
N GLY A 135 -20.95 5.53 1.27
CA GLY A 135 -20.17 4.58 0.50
C GLY A 135 -18.71 4.97 0.31
N VAL A 136 -18.22 5.90 1.12
CA VAL A 136 -16.82 6.33 1.01
C VAL A 136 -15.99 5.87 2.23
N TYR A 137 -14.78 5.40 1.95
CA TYR A 137 -13.85 4.89 2.96
C TYR A 137 -12.47 5.31 2.46
N GLU A 138 -11.50 5.38 3.36
CA GLU A 138 -10.16 5.82 3.00
C GLU A 138 -9.09 5.04 3.81
N THR A 139 -7.89 4.89 3.26
CA THR A 139 -6.81 4.20 3.96
C THR A 139 -5.97 5.25 4.71
N SER A 140 -4.92 4.82 5.41
CA SER A 140 -4.01 5.74 6.09
C SER A 140 -2.99 6.06 5.01
N PHE A 141 -1.98 6.87 5.32
CA PHE A 141 -0.94 7.17 4.32
C PHE A 141 0.08 6.03 4.35
N PHE A 142 0.46 5.54 3.18
CA PHE A 142 1.43 4.46 3.06
C PHE A 142 2.76 5.10 2.71
N VAL A 143 3.84 4.53 3.21
CA VAL A 143 5.15 5.10 2.93
C VAL A 143 5.58 4.74 1.53
N ASN A 144 6.40 5.61 0.95
CA ASN A 144 6.96 5.42 -0.38
C ASN A 144 8.46 5.42 -0.19
N ARG A 145 9.17 4.82 -1.13
CA ARG A 145 10.61 4.74 -1.10
C ARG A 145 11.30 6.11 -1.05
N ASP A 146 10.63 7.13 -1.58
CA ASP A 146 11.20 8.47 -1.59
C ASP A 146 10.73 9.33 -0.43
N TYR A 147 10.04 8.70 0.50
CA TYR A 147 9.52 9.35 1.70
C TYR A 147 8.29 10.23 1.54
N SER A 148 7.65 10.17 0.37
CA SER A 148 6.38 10.86 0.16
C SER A 148 5.38 9.76 0.57
N PHE A 149 4.08 9.99 0.44
CA PHE A 149 3.10 8.97 0.81
C PHE A 149 2.10 8.72 -0.32
N HIS A 150 1.30 7.67 -0.17
CA HIS A 150 0.22 7.42 -1.12
C HIS A 150 -0.97 7.07 -0.26
N LYS A 151 -2.17 7.29 -0.78
CA LYS A 151 -3.38 7.03 -0.03
C LYS A 151 -4.44 6.63 -1.05
N LEU A 152 -5.41 5.82 -0.63
CA LEU A 152 -6.46 5.39 -1.55
C LEU A 152 -7.82 5.67 -0.94
N SER A 153 -8.75 6.14 -1.78
CA SER A 153 -10.11 6.41 -1.33
C SER A 153 -11.03 5.44 -2.07
N TYR A 154 -12.12 5.04 -1.44
CA TYR A 154 -13.04 4.08 -2.03
C TYR A 154 -14.48 4.59 -2.10
N LEU A 155 -15.14 4.36 -3.24
CA LEU A 155 -16.55 4.76 -3.44
C LEU A 155 -17.37 3.58 -3.97
N THR A 156 -18.33 3.08 -3.19
CA THR A 156 -19.14 1.98 -3.70
C THR A 156 -20.12 2.56 -4.72
N PHE A 157 -20.36 1.82 -5.81
CA PHE A 157 -21.26 2.33 -6.85
C PHE A 157 -21.74 1.22 -7.77
N ILE A 158 -22.77 1.52 -8.54
CA ILE A 158 -23.31 0.59 -9.53
C ILE A 158 -23.14 1.24 -10.89
N PRO A 159 -22.44 0.59 -11.82
CA PRO A 159 -22.22 1.13 -13.16
C PRO A 159 -23.56 1.34 -13.89
N SER A 160 -23.73 2.51 -14.50
CA SER A 160 -24.96 2.82 -15.23
C SER A 160 -24.65 3.78 -16.36
N ASP A 161 -25.66 4.09 -17.16
CA ASP A 161 -25.53 4.99 -18.30
C ASP A 161 -25.45 6.47 -17.98
N ASP A 162 -26.12 6.88 -16.92
CA ASP A 162 -26.18 8.28 -16.53
C ASP A 162 -25.12 8.81 -15.56
N ASP A 163 -24.54 7.93 -14.75
CA ASP A 163 -23.56 8.34 -13.76
C ASP A 163 -22.10 8.43 -14.18
N ILE A 164 -21.51 9.60 -13.93
CA ILE A 164 -20.09 9.84 -14.23
C ILE A 164 -19.47 10.27 -12.91
N TYR A 165 -18.17 10.06 -12.75
CA TYR A 165 -17.52 10.36 -11.47
C TYR A 165 -16.24 11.15 -11.52
N ASP A 166 -15.90 11.71 -10.36
CA ASP A 166 -14.67 12.46 -10.19
C ASP A 166 -14.10 12.22 -8.80
N CYS A 167 -12.78 12.14 -8.75
CA CYS A 167 -12.08 12.03 -7.48
C CYS A 167 -11.48 13.43 -7.31
N LYS A 168 -11.91 14.13 -6.26
CA LYS A 168 -11.42 15.46 -6.00
C LYS A 168 -10.28 15.40 -4.97
N VAL A 169 -9.12 15.94 -5.36
CA VAL A 169 -7.96 15.97 -4.50
C VAL A 169 -7.62 17.42 -4.16
N GLU A 170 -7.64 17.74 -2.87
CA GLU A 170 -7.33 19.07 -2.39
C GLU A 170 -6.07 18.98 -1.51
N HIS A 171 -5.00 19.66 -1.91
CA HIS A 171 -3.72 19.63 -1.18
C HIS A 171 -2.99 20.98 -1.27
N TRP A 172 -2.16 21.30 -0.27
CA TRP A 172 -1.38 22.56 -0.25
C TRP A 172 -0.46 22.72 -1.45
N GLY A 173 -0.10 21.61 -2.09
CA GLY A 173 0.79 21.69 -3.24
C GLY A 173 0.01 21.85 -4.53
N LEU A 174 -1.31 21.99 -4.42
CA LEU A 174 -2.20 22.16 -5.57
C LEU A 174 -2.90 23.52 -5.49
N GLU A 175 -2.71 24.37 -6.50
CA GLU A 175 -3.32 25.71 -6.53
C GLU A 175 -4.85 25.65 -6.38
N GLU A 176 -5.45 24.63 -6.98
CA GLU A 176 -6.90 24.40 -6.94
C GLU A 176 -7.13 22.91 -6.84
N PRO A 177 -8.24 22.49 -6.21
CA PRO A 177 -8.55 21.06 -6.09
C PRO A 177 -8.54 20.48 -7.51
N VAL A 178 -7.91 19.32 -7.67
CA VAL A 178 -7.83 18.64 -8.97
C VAL A 178 -8.92 17.59 -9.07
N LEU A 179 -9.47 17.42 -10.26
CA LEU A 179 -10.51 16.42 -10.46
C LEU A 179 -9.99 15.34 -11.43
N LYS A 180 -10.12 14.08 -11.02
CA LYS A 180 -9.72 12.98 -11.90
C LYS A 180 -11.03 12.34 -12.29
N HIS A 181 -11.37 12.49 -13.56
CA HIS A 181 -12.63 11.99 -14.09
C HIS A 181 -12.64 10.52 -14.49
N TRP A 182 -13.76 9.86 -14.25
CA TRP A 182 -13.92 8.47 -14.61
C TRP A 182 -15.39 8.16 -14.90
N GLU A 183 -15.62 7.48 -16.02
CA GLU A 183 -16.97 7.05 -16.40
C GLU A 183 -16.90 5.68 -17.07
N PRO A 184 -17.89 4.83 -16.78
CA PRO A 184 -17.91 3.49 -17.35
C PRO A 184 -18.05 3.45 -18.87
N GLU A 185 -18.07 2.24 -19.40
CA GLU A 185 -18.21 1.99 -20.83
C GLU A 185 -19.13 0.77 -20.84
N GLY B 1 6.32 26.90 6.18
CA GLY B 1 4.99 26.31 6.44
C GLY B 1 5.07 25.29 7.56
N SER B 2 5.16 24.02 7.20
CA SER B 2 5.20 22.97 8.22
C SER B 2 6.50 22.18 8.25
N PHE B 3 6.58 21.25 9.21
CA PHE B 3 7.75 20.41 9.41
C PHE B 3 7.26 19.02 9.74
N VAL B 4 7.90 18.02 9.14
CA VAL B 4 7.52 16.61 9.29
C VAL B 4 8.65 15.70 9.77
N HIS B 5 8.32 14.75 10.64
CA HIS B 5 9.31 13.78 11.07
C HIS B 5 8.73 12.40 10.84
N GLN B 6 9.52 11.56 10.18
CA GLN B 6 9.09 10.21 9.89
C GLN B 6 10.06 9.21 10.50
N PHE B 7 9.50 8.14 11.06
CA PHE B 7 10.26 7.03 11.66
C PHE B 7 9.71 5.80 10.94
N GLN B 8 10.53 5.18 10.09
CA GLN B 8 10.11 4.02 9.31
C GLN B 8 10.92 2.72 9.53
N PRO B 9 10.36 1.77 10.28
CA PRO B 9 11.06 0.49 10.52
C PRO B 9 10.77 -0.54 9.39
N PHE B 10 11.72 -1.42 9.11
CA PHE B 10 11.54 -2.45 8.07
C PHE B 10 12.15 -3.79 8.47
N CYS B 11 11.33 -4.84 8.51
CA CYS B 11 11.81 -6.19 8.80
C CYS B 11 11.74 -6.96 7.47
N TYR B 12 12.88 -7.17 6.82
CA TYR B 12 12.96 -7.91 5.57
C TYR B 12 13.20 -9.40 5.82
N PHE B 13 12.24 -10.22 5.43
CA PHE B 13 12.31 -11.66 5.64
C PHE B 13 12.56 -12.42 4.35
N THR B 14 13.45 -13.42 4.41
CA THR B 14 13.75 -14.24 3.26
C THR B 14 13.75 -15.71 3.72
N ASN B 15 13.02 -16.54 2.99
CA ASN B 15 12.86 -17.95 3.31
C ASN B 15 12.29 -17.99 4.73
N GLY B 16 11.16 -17.31 4.94
CA GLY B 16 10.58 -17.27 6.26
C GLY B 16 11.52 -16.50 7.16
N THR B 17 11.77 -17.01 8.37
CA THR B 17 12.68 -16.34 9.29
C THR B 17 14.15 -16.82 9.17
N GLN B 18 14.49 -17.43 8.05
CA GLN B 18 15.85 -17.94 7.82
C GLN B 18 16.83 -16.79 7.72
N ARG B 19 16.38 -15.68 7.17
CA ARG B 19 17.22 -14.51 7.03
C ARG B 19 16.35 -13.29 7.30
N ILE B 20 16.66 -12.55 8.36
CA ILE B 20 15.91 -11.36 8.73
C ILE B 20 16.85 -10.18 8.76
N ARG B 21 16.49 -9.09 8.11
CA ARG B 21 17.32 -7.91 8.13
C ARG B 21 16.42 -6.80 8.67
N LEU B 22 16.97 -5.97 9.56
CA LEU B 22 16.21 -4.88 10.18
C LEU B 22 16.80 -3.54 9.80
N VAL B 23 16.03 -2.71 9.10
CA VAL B 23 16.46 -1.38 8.67
C VAL B 23 15.52 -0.35 9.31
N ILE B 24 16.10 0.63 9.99
CA ILE B 24 15.31 1.65 10.67
C ILE B 24 15.78 3.02 10.18
N ARG B 25 14.85 3.77 9.59
CA ARG B 25 15.15 5.08 9.03
C ARG B 25 14.55 6.21 9.84
N TYR B 26 15.36 7.22 10.10
CA TYR B 26 14.92 8.41 10.84
C TYR B 26 14.99 9.50 9.77
N ILE B 27 13.85 10.17 9.54
CA ILE B 27 13.77 11.20 8.51
C ILE B 27 13.16 12.51 8.96
N TYR B 28 13.79 13.59 8.48
CA TYR B 28 13.29 14.96 8.76
C TYR B 28 12.74 15.45 7.42
N ASN B 29 11.43 15.72 7.40
CA ASN B 29 10.72 16.13 6.20
C ASN B 29 10.94 14.99 5.24
N ARG B 30 11.93 15.09 4.36
CA ARG B 30 12.22 14.02 3.40
C ARG B 30 13.68 13.64 3.32
N GLU B 31 14.44 14.03 4.35
CA GLU B 31 15.86 13.72 4.43
C GLU B 31 16.09 12.70 5.54
N GLU B 32 16.63 11.55 5.18
CA GLU B 32 16.94 10.48 6.15
C GLU B 32 18.26 10.91 6.82
N TYR B 33 18.24 11.14 8.13
CA TYR B 33 19.46 11.59 8.81
C TYR B 33 20.29 10.51 9.52
N VAL B 34 19.64 9.53 10.12
CA VAL B 34 20.35 8.44 10.79
C VAL B 34 19.62 7.12 10.51
N ARG B 35 20.39 6.07 10.24
CA ARG B 35 19.82 4.77 9.94
C ARG B 35 20.49 3.58 10.63
N PHE B 36 19.68 2.66 11.14
CA PHE B 36 20.19 1.44 11.73
C PHE B 36 19.94 0.35 10.68
N ASP B 37 20.99 -0.35 10.30
CA ASP B 37 20.86 -1.44 9.33
C ASP B 37 21.56 -2.66 9.95
N SER B 38 20.80 -3.69 10.31
CA SER B 38 21.37 -4.87 10.93
C SER B 38 22.49 -5.54 10.10
N ASP B 39 22.53 -5.31 8.80
CA ASP B 39 23.60 -5.85 7.94
C ASP B 39 24.89 -5.13 8.28
N VAL B 40 24.75 -3.87 8.71
CA VAL B 40 25.89 -3.06 9.09
C VAL B 40 26.22 -3.33 10.56
N GLY B 41 25.20 -3.45 11.40
CA GLY B 41 25.42 -3.76 12.80
C GLY B 41 25.31 -2.66 13.82
N GLU B 42 25.23 -1.40 13.38
CA GLU B 42 25.12 -0.26 14.29
C GLU B 42 24.48 0.92 13.58
N TYR B 43 24.09 1.94 14.35
CA TYR B 43 23.48 3.14 13.79
C TYR B 43 24.54 3.88 12.97
N ARG B 44 24.08 4.66 11.99
CA ARG B 44 24.98 5.43 11.14
C ARG B 44 24.31 6.75 10.77
N ALA B 45 25.12 7.78 10.58
CA ALA B 45 24.62 9.09 10.23
C ALA B 45 24.58 9.12 8.71
N VAL B 46 23.41 9.42 8.17
CA VAL B 46 23.24 9.50 6.72
C VAL B 46 23.66 10.91 6.30
N THR B 47 23.33 11.90 7.12
CA THR B 47 23.69 13.29 6.88
C THR B 47 24.12 13.91 8.21
N GLU B 48 24.68 15.11 8.15
CA GLU B 48 25.12 15.81 9.34
C GLU B 48 24.10 15.83 10.47
N LEU B 49 22.82 15.93 10.14
CA LEU B 49 21.79 15.97 11.17
C LEU B 49 21.77 14.75 12.08
N GLY B 50 22.37 13.65 11.63
CA GLY B 50 22.39 12.42 12.41
C GLY B 50 23.53 12.14 13.39
N ARG B 51 24.64 12.89 13.29
CA ARG B 51 25.79 12.71 14.19
C ARG B 51 25.44 12.77 15.69
N PRO B 52 24.65 13.77 16.10
CA PRO B 52 24.28 13.86 17.51
C PRO B 52 23.57 12.61 18.01
N ASP B 53 23.01 11.84 17.07
CA ASP B 53 22.27 10.63 17.38
C ASP B 53 23.05 9.31 17.26
N ALA B 54 23.70 9.10 16.13
CA ALA B 54 24.46 7.88 15.91
C ALA B 54 25.40 7.60 17.08
N GLU B 55 26.29 8.55 17.34
CA GLU B 55 27.26 8.51 18.41
C GLU B 55 26.65 7.97 19.70
N TYR B 56 25.68 8.69 20.24
CA TYR B 56 25.04 8.32 21.47
C TYR B 56 24.30 6.97 21.50
N TRP B 57 23.50 6.72 20.45
CA TRP B 57 22.68 5.51 20.36
C TRP B 57 23.50 4.21 20.31
N ASN B 58 24.67 4.28 19.67
CA ASN B 58 25.53 3.12 19.62
C ASN B 58 26.07 2.74 21.01
N LYS B 59 26.05 3.70 21.94
CA LYS B 59 26.50 3.45 23.30
C LYS B 59 25.35 2.97 24.18
N GLN B 60 24.19 3.59 24.06
CA GLN B 60 23.07 3.24 24.92
C GLN B 60 21.97 2.36 24.39
N TYR B 61 21.87 2.21 23.07
CA TYR B 61 20.77 1.43 22.51
C TYR B 61 21.14 0.41 21.44
N LEU B 62 22.42 0.19 21.22
CA LEU B 62 22.86 -0.76 20.20
C LEU B 62 22.30 -2.16 20.39
N GLU B 63 22.58 -2.77 21.53
CA GLU B 63 22.12 -4.12 21.80
C GLU B 63 20.60 -4.24 21.86
N ARG B 64 19.94 -3.23 22.43
CA ARG B 64 18.49 -3.28 22.50
C ARG B 64 17.88 -3.28 21.09
N THR B 65 18.47 -2.50 20.18
CA THR B 65 18.01 -2.40 18.80
C THR B 65 18.30 -3.72 18.08
N ARG B 66 19.52 -4.22 18.20
CA ARG B 66 19.87 -5.47 17.53
C ARG B 66 18.92 -6.60 17.92
N ALA B 67 18.56 -6.63 19.20
CA ALA B 67 17.69 -7.67 19.71
C ALA B 67 16.28 -7.63 19.13
N GLU B 68 15.90 -6.53 18.51
CA GLU B 68 14.55 -6.41 17.94
C GLU B 68 14.39 -7.31 16.74
N LEU B 69 15.52 -7.73 16.18
CA LEU B 69 15.52 -8.63 15.06
C LEU B 69 14.83 -9.92 15.53
N ASP B 70 14.89 -10.22 16.83
CA ASP B 70 14.25 -11.41 17.41
C ASP B 70 12.98 -11.05 18.18
N THR B 71 13.08 -10.02 19.01
CA THR B 71 11.96 -9.57 19.85
C THR B 71 10.79 -8.97 19.05
N VAL B 72 11.09 -8.42 17.88
CA VAL B 72 10.04 -7.83 17.05
C VAL B 72 9.90 -8.55 15.70
N CYS B 73 10.90 -8.45 14.83
CA CYS B 73 10.83 -9.08 13.52
C CYS B 73 10.41 -10.55 13.55
N ARG B 74 11.25 -11.40 14.13
CA ARG B 74 10.95 -12.83 14.19
C ARG B 74 9.69 -13.12 15.00
N HIS B 75 9.54 -12.48 16.14
CA HIS B 75 8.37 -12.74 16.95
C HIS B 75 7.06 -12.48 16.21
N ASN B 76 6.99 -11.33 15.53
CA ASN B 76 5.77 -10.96 14.81
C ASN B 76 5.49 -11.95 13.68
N TYR B 77 6.52 -12.26 12.91
CA TYR B 77 6.37 -13.18 11.80
C TYR B 77 5.85 -14.56 12.23
N GLU B 78 6.46 -15.13 13.25
CA GLU B 78 6.06 -16.46 13.72
C GLU B 78 4.79 -16.49 14.56
N LYS B 79 4.53 -15.47 15.34
CA LYS B 79 3.34 -15.50 16.18
C LYS B 79 2.12 -14.73 15.71
N THR B 80 2.29 -13.74 14.84
CA THR B 80 1.13 -12.96 14.40
C THR B 80 0.91 -12.93 12.89
N GLU B 81 1.97 -12.83 12.11
CA GLU B 81 1.80 -12.84 10.66
C GLU B 81 1.41 -14.25 10.23
N THR B 82 2.01 -15.25 10.87
CA THR B 82 1.73 -16.64 10.54
C THR B 82 0.25 -16.99 10.53
N PRO B 83 -0.49 -16.71 11.62
CA PRO B 83 -1.90 -17.06 11.58
C PRO B 83 -2.81 -16.07 10.83
N THR B 84 -2.24 -15.02 10.21
CA THR B 84 -3.06 -14.02 9.50
C THR B 84 -2.57 -13.70 8.09
N SER B 85 -1.64 -12.77 7.98
CA SER B 85 -1.11 -12.39 6.68
C SER B 85 -0.69 -13.58 5.84
N LEU B 86 0.13 -14.46 6.43
CA LEU B 86 0.65 -15.61 5.72
C LEU B 86 -0.37 -16.73 5.44
N ARG B 87 -1.53 -16.65 6.07
CA ARG B 87 -2.57 -17.66 5.90
C ARG B 87 -3.69 -17.15 4.99
N ARG B 88 -3.64 -15.88 4.62
CA ARG B 88 -4.66 -15.28 3.77
C ARG B 88 -4.61 -15.81 2.36
N LEU B 89 -5.75 -16.32 1.91
CA LEU B 89 -5.91 -16.85 0.56
C LEU B 89 -7.24 -16.34 -0.01
N GLU B 90 -7.16 -15.57 -1.08
CA GLU B 90 -8.32 -15.02 -1.76
C GLU B 90 -8.24 -15.43 -3.23
N GLN B 91 -9.23 -16.19 -3.69
CA GLN B 91 -9.26 -16.67 -5.07
C GLN B 91 -9.55 -15.59 -6.09
N PRO B 92 -8.88 -15.67 -7.23
CA PRO B 92 -9.10 -14.66 -8.27
C PRO B 92 -10.41 -14.89 -9.05
N SER B 93 -11.06 -13.79 -9.45
CA SER B 93 -12.24 -13.85 -10.29
C SER B 93 -11.64 -13.63 -11.65
N VAL B 94 -12.12 -14.35 -12.65
CA VAL B 94 -11.60 -14.20 -13.99
C VAL B 94 -12.78 -14.03 -14.94
N VAL B 95 -12.71 -13.03 -15.80
CA VAL B 95 -13.77 -12.77 -16.76
C VAL B 95 -13.11 -12.19 -17.99
N ILE B 96 -13.62 -12.57 -19.16
CA ILE B 96 -13.09 -12.07 -20.42
C ILE B 96 -14.12 -11.10 -21.02
N SER B 97 -13.63 -10.13 -21.77
CA SER B 97 -14.50 -9.17 -22.43
C SER B 97 -13.73 -8.75 -23.66
N LEU B 98 -14.44 -8.28 -24.68
CA LEU B 98 -13.84 -7.89 -25.94
C LEU B 98 -13.72 -6.36 -25.91
N SER B 99 -12.62 -5.81 -26.42
CA SER B 99 -12.41 -4.37 -26.43
C SER B 99 -13.32 -3.64 -27.41
N ARG B 100 -13.23 -4.04 -28.67
CA ARG B 100 -14.02 -3.43 -29.70
C ARG B 100 -15.21 -4.33 -30.01
N THR B 101 -16.29 -3.72 -30.46
CA THR B 101 -17.50 -4.45 -30.80
C THR B 101 -17.16 -5.49 -31.87
N GLU B 102 -17.57 -6.74 -31.63
CA GLU B 102 -17.27 -7.85 -32.52
C GLU B 102 -17.64 -7.74 -34.01
N ALA B 103 -16.80 -8.36 -34.83
CA ALA B 103 -16.94 -8.39 -36.28
C ALA B 103 -15.87 -9.40 -36.71
N LEU B 104 -16.31 -10.61 -37.06
CA LEU B 104 -15.39 -11.68 -37.47
C LEU B 104 -14.34 -11.25 -38.50
N ASN B 105 -13.14 -11.82 -38.35
CA ASN B 105 -12.03 -11.57 -39.26
C ASN B 105 -11.38 -10.20 -39.15
N HIS B 106 -11.84 -9.41 -38.17
CA HIS B 106 -11.30 -8.08 -37.93
C HIS B 106 -10.50 -8.12 -36.63
N HIS B 107 -9.31 -7.52 -36.64
CA HIS B 107 -8.45 -7.50 -35.44
C HIS B 107 -9.21 -6.96 -34.22
N ASN B 108 -8.87 -7.49 -33.05
CA ASN B 108 -9.53 -7.08 -31.81
C ASN B 108 -8.60 -7.45 -30.65
N THR B 109 -9.09 -7.31 -29.43
CA THR B 109 -8.30 -7.61 -28.25
C THR B 109 -9.21 -8.21 -27.19
N LEU B 110 -8.77 -9.30 -26.58
CA LEU B 110 -9.54 -9.92 -25.53
C LEU B 110 -8.90 -9.44 -24.23
N VAL B 111 -9.72 -9.13 -23.25
CA VAL B 111 -9.23 -8.65 -21.96
C VAL B 111 -9.60 -9.63 -20.87
N CYS B 112 -8.58 -10.22 -20.25
CA CYS B 112 -8.83 -11.13 -19.15
C CYS B 112 -8.63 -10.36 -17.85
N SER B 113 -9.71 -10.16 -17.12
CA SER B 113 -9.66 -9.44 -15.86
C SER B 113 -9.56 -10.43 -14.71
N VAL B 114 -8.39 -10.47 -14.08
CA VAL B 114 -8.13 -11.37 -12.95
C VAL B 114 -8.10 -10.46 -11.75
N THR B 115 -9.09 -10.58 -10.87
CA THR B 115 -9.23 -9.66 -9.77
C THR B 115 -9.49 -10.25 -8.39
N ASP B 116 -9.39 -9.37 -7.39
CA ASP B 116 -9.65 -9.73 -6.02
C ASP B 116 -8.85 -10.86 -5.42
N PHE B 117 -7.60 -11.03 -5.86
CA PHE B 117 -6.80 -12.12 -5.29
C PHE B 117 -5.69 -11.72 -4.31
N TYR B 118 -5.30 -12.68 -3.47
CA TYR B 118 -4.22 -12.48 -2.50
C TYR B 118 -3.69 -13.88 -2.16
N PRO B 119 -2.35 -14.05 -2.08
CA PRO B 119 -1.28 -13.07 -2.26
C PRO B 119 -1.04 -12.69 -3.72
N ALA B 120 0.04 -11.95 -3.96
CA ALA B 120 0.39 -11.47 -5.28
C ALA B 120 0.87 -12.47 -6.29
N LYS B 121 1.45 -13.58 -5.85
CA LYS B 121 1.97 -14.59 -6.80
C LYS B 121 0.83 -15.15 -7.64
N ILE B 122 0.96 -15.04 -8.96
CA ILE B 122 -0.09 -15.52 -9.85
C ILE B 122 0.47 -15.74 -11.25
N LYS B 123 -0.16 -16.62 -12.01
CA LYS B 123 0.27 -16.87 -13.37
C LYS B 123 -0.98 -16.81 -14.24
N VAL B 124 -0.94 -15.99 -15.28
CA VAL B 124 -2.09 -15.83 -16.18
C VAL B 124 -1.59 -16.06 -17.61
N ARG B 125 -2.20 -17.03 -18.28
CA ARG B 125 -1.81 -17.41 -19.64
C ARG B 125 -3.00 -17.37 -20.60
N TRP B 126 -2.71 -17.08 -21.86
CA TRP B 126 -3.73 -17.03 -22.91
C TRP B 126 -3.49 -18.18 -23.86
N PHE B 127 -4.56 -18.87 -24.22
CA PHE B 127 -4.47 -19.97 -25.17
C PHE B 127 -5.47 -19.72 -26.30
N ARG B 128 -5.08 -20.09 -27.52
CA ARG B 128 -5.96 -19.97 -28.67
C ARG B 128 -5.96 -21.35 -29.32
N ASN B 129 -7.09 -22.06 -29.20
CA ASN B 129 -7.23 -23.42 -29.75
C ASN B 129 -6.22 -24.38 -29.19
N GLY B 130 -6.03 -24.34 -27.87
CA GLY B 130 -5.08 -25.24 -27.24
C GLY B 130 -3.60 -24.87 -27.31
N GLN B 131 -3.23 -23.85 -28.06
CA GLN B 131 -1.84 -23.44 -28.13
C GLN B 131 -1.67 -22.18 -27.28
N GLU B 132 -0.58 -22.12 -26.50
CA GLU B 132 -0.34 -20.95 -25.66
C GLU B 132 0.12 -19.74 -26.48
N GLU B 133 -0.50 -18.60 -26.21
CA GLU B 133 -0.15 -17.36 -26.89
C GLU B 133 0.96 -16.64 -26.11
N THR B 134 1.90 -16.01 -26.81
CA THR B 134 2.98 -15.33 -26.14
C THR B 134 3.22 -13.90 -26.62
N VAL B 135 3.69 -13.75 -27.85
CA VAL B 135 3.98 -12.43 -28.37
C VAL B 135 2.86 -11.39 -28.35
N GLY B 136 1.62 -11.83 -28.58
CA GLY B 136 0.49 -10.91 -28.59
C GLY B 136 -0.18 -10.65 -27.26
N VAL B 137 0.42 -11.17 -26.19
CA VAL B 137 -0.11 -10.99 -24.83
C VAL B 137 0.59 -9.77 -24.19
N SER B 138 -0.21 -8.91 -23.57
CA SER B 138 0.32 -7.72 -22.91
C SER B 138 -0.33 -7.73 -21.54
N SER B 139 0.26 -7.02 -20.59
CA SER B 139 -0.27 -7.03 -19.25
C SER B 139 -0.04 -5.73 -18.50
N THR B 140 -0.89 -5.46 -17.52
CA THR B 140 -0.69 -4.28 -16.70
C THR B 140 0.27 -4.75 -15.60
N GLN B 141 0.67 -3.84 -14.73
CA GLN B 141 1.51 -4.24 -13.62
C GLN B 141 0.51 -4.86 -12.66
N LEU B 142 1.00 -5.46 -11.58
CA LEU B 142 0.13 -6.04 -10.57
C LEU B 142 -0.45 -4.83 -9.85
N ILE B 143 -1.76 -4.73 -9.79
CA ILE B 143 -2.42 -3.60 -9.17
C ILE B 143 -2.84 -3.90 -7.75
N ARG B 144 -2.35 -3.08 -6.82
CA ARG B 144 -2.67 -3.25 -5.42
C ARG B 144 -3.88 -2.38 -5.14
N ASN B 145 -5.01 -3.01 -4.85
CA ASN B 145 -6.26 -2.29 -4.58
C ASN B 145 -6.22 -1.55 -3.28
N GLY B 146 -5.31 -1.97 -2.39
CA GLY B 146 -5.18 -1.34 -1.09
C GLY B 146 -6.11 -1.90 -0.03
N ASP B 147 -6.86 -2.94 -0.37
CA ASP B 147 -7.77 -3.57 0.59
C ASP B 147 -7.40 -5.04 0.82
N TRP B 148 -6.13 -5.37 0.62
CA TRP B 148 -5.60 -6.73 0.79
C TRP B 148 -5.98 -7.70 -0.33
N THR B 149 -6.12 -7.17 -1.55
CA THR B 149 -6.41 -7.95 -2.75
C THR B 149 -5.71 -7.20 -3.88
N PHE B 150 -5.37 -7.93 -4.94
CA PHE B 150 -4.70 -7.37 -6.11
C PHE B 150 -5.57 -7.61 -7.33
N GLN B 151 -5.15 -7.10 -8.48
CA GLN B 151 -5.85 -7.32 -9.73
C GLN B 151 -4.82 -7.10 -10.83
N VAL B 152 -5.01 -7.74 -11.98
CA VAL B 152 -4.11 -7.58 -13.10
C VAL B 152 -4.92 -7.82 -14.38
N LEU B 153 -4.63 -7.07 -15.44
CA LEU B 153 -5.34 -7.22 -16.70
C LEU B 153 -4.39 -7.72 -17.77
N VAL B 154 -4.72 -8.86 -18.36
CA VAL B 154 -3.88 -9.46 -19.39
C VAL B 154 -4.67 -9.47 -20.71
N MET B 155 -4.08 -8.83 -21.70
CA MET B 155 -4.72 -8.70 -23.00
C MET B 155 -4.09 -9.61 -24.04
N LEU B 156 -4.91 -9.97 -25.03
CA LEU B 156 -4.46 -10.79 -26.15
C LEU B 156 -4.92 -10.14 -27.44
N GLU B 157 -3.96 -9.84 -28.30
CA GLU B 157 -4.21 -9.26 -29.61
C GLU B 157 -4.64 -10.45 -30.45
N MET B 158 -5.83 -10.38 -31.05
CA MET B 158 -6.34 -11.49 -31.85
C MET B 158 -7.33 -11.09 -32.95
N THR B 159 -7.76 -12.08 -33.72
CA THR B 159 -8.72 -11.90 -34.82
C THR B 159 -9.74 -13.02 -34.66
N PRO B 160 -10.94 -12.70 -34.16
CA PRO B 160 -11.96 -13.74 -33.98
C PRO B 160 -12.45 -14.41 -35.26
N ARG B 161 -12.22 -15.71 -35.37
CA ARG B 161 -12.67 -16.50 -36.51
C ARG B 161 -13.59 -17.58 -35.97
N ARG B 162 -14.49 -18.07 -36.83
CA ARG B 162 -15.44 -19.07 -36.38
C ARG B 162 -14.77 -20.35 -35.92
N GLY B 163 -15.35 -20.95 -34.89
CA GLY B 163 -14.81 -22.20 -34.38
C GLY B 163 -13.66 -22.09 -33.40
N GLU B 164 -13.04 -20.92 -33.30
CA GLU B 164 -11.92 -20.70 -32.38
C GLU B 164 -12.35 -20.63 -30.93
N VAL B 165 -11.45 -21.11 -30.07
CA VAL B 165 -11.69 -21.10 -28.62
C VAL B 165 -10.46 -20.44 -28.00
N TYR B 166 -10.73 -19.32 -27.32
CA TYR B 166 -9.71 -18.53 -26.63
C TYR B 166 -9.89 -18.79 -25.15
N THR B 167 -8.81 -19.15 -24.48
CA THR B 167 -8.89 -19.46 -23.06
C THR B 167 -7.90 -18.64 -22.20
N CYS B 168 -8.43 -18.05 -21.14
CA CYS B 168 -7.61 -17.31 -20.19
C CYS B 168 -7.40 -18.36 -19.11
N HIS B 169 -6.14 -18.65 -18.78
CA HIS B 169 -5.76 -19.69 -17.82
C HIS B 169 -5.05 -19.10 -16.58
N VAL B 170 -5.68 -19.21 -15.41
CA VAL B 170 -5.12 -18.66 -14.18
C VAL B 170 -4.72 -19.70 -13.12
N GLU B 171 -3.49 -19.60 -12.64
CA GLU B 171 -2.95 -20.48 -11.59
C GLU B 171 -2.60 -19.59 -10.38
N HIS B 172 -3.04 -20.01 -9.19
CA HIS B 172 -2.81 -19.24 -7.97
C HIS B 172 -2.86 -20.17 -6.74
N PRO B 173 -2.05 -19.91 -5.71
CA PRO B 173 -2.00 -20.72 -4.49
C PRO B 173 -3.33 -20.99 -3.83
N SER B 174 -4.30 -20.12 -4.01
CA SER B 174 -5.61 -20.33 -3.38
C SER B 174 -6.44 -21.34 -4.17
N LEU B 175 -5.89 -21.81 -5.29
CA LEU B 175 -6.57 -22.73 -6.17
C LEU B 175 -5.89 -24.08 -6.29
N THR B 176 -6.66 -25.14 -6.09
CA THR B 176 -6.14 -26.50 -6.23
C THR B 176 -5.91 -26.75 -7.74
N SER B 177 -6.88 -26.34 -8.55
CA SER B 177 -6.81 -26.50 -10.00
C SER B 177 -6.93 -25.13 -10.65
N PRO B 178 -6.30 -24.95 -11.83
CA PRO B 178 -6.36 -23.66 -12.54
C PRO B 178 -7.80 -23.22 -12.85
N ILE B 179 -8.04 -21.92 -12.93
CA ILE B 179 -9.36 -21.42 -13.30
C ILE B 179 -9.18 -21.05 -14.76
N THR B 180 -10.06 -21.52 -15.62
CA THR B 180 -9.96 -21.20 -17.04
C THR B 180 -11.29 -20.65 -17.48
N VAL B 181 -11.27 -19.70 -18.41
CA VAL B 181 -12.47 -19.09 -18.93
C VAL B 181 -12.28 -19.08 -20.42
N GLU B 182 -13.31 -19.50 -21.15
CA GLU B 182 -13.25 -19.57 -22.60
C GLU B 182 -14.07 -18.47 -23.25
N TRP B 183 -13.69 -18.12 -24.46
CA TRP B 183 -14.42 -17.14 -25.21
C TRP B 183 -14.39 -17.69 -26.61
N ARG B 184 -15.56 -17.85 -27.21
CA ARG B 184 -15.68 -18.37 -28.58
C ARG B 184 -16.28 -17.28 -29.44
N ALA B 185 -15.80 -17.17 -30.67
CA ALA B 185 -16.32 -16.17 -31.58
C ALA B 185 -17.69 -16.65 -32.07
N SER C 1 -1.84 -14.08 20.19
CA SER C 1 -0.46 -13.56 20.36
C SER C 1 -0.45 -12.02 20.25
N THR C 2 0.63 -11.39 20.73
CA THR C 2 0.73 -9.94 20.70
C THR C 2 1.81 -9.41 19.76
N ASP C 3 1.48 -8.35 19.04
CA ASP C 3 2.39 -7.71 18.11
C ASP C 3 3.26 -6.76 18.94
N TYR C 4 4.51 -6.59 18.50
CA TYR C 4 5.47 -5.68 19.15
C TYR C 4 5.91 -4.67 18.12
N GLY C 5 6.00 -3.40 18.51
CA GLY C 5 6.45 -2.40 17.56
C GLY C 5 7.92 -2.06 17.74
N ILE C 6 8.60 -1.69 16.66
CA ILE C 6 10.00 -1.30 16.77
C ILE C 6 10.01 0.03 17.53
N LEU C 7 10.90 0.15 18.52
CA LEU C 7 10.96 1.38 19.32
C LEU C 7 11.70 2.54 18.69
N GLN C 8 11.14 3.74 18.85
CA GLN C 8 11.78 4.94 18.31
C GLN C 8 12.54 5.54 19.48
N ILE C 9 13.78 5.94 19.23
CA ILE C 9 14.60 6.52 20.29
C ILE C 9 14.51 8.05 20.35
N ASN C 10 14.38 8.56 21.57
CA ASN C 10 14.33 10.01 21.84
C ASN C 10 15.71 10.63 21.73
N SER C 11 15.84 11.69 20.95
CA SER C 11 17.12 12.37 20.81
C SER C 11 17.35 13.20 22.08
N ARG C 12 18.59 13.62 22.30
CA ARG C 12 18.93 14.44 23.46
C ARG C 12 18.66 15.91 23.16
N TRP C 13 18.05 16.61 24.11
CA TRP C 13 17.71 18.03 23.96
C TRP C 13 18.94 18.88 23.59
#